data_8F9U
#
_entry.id   8F9U
#
_cell.length_a   50.990
_cell.length_b   60.696
_cell.length_c   147.834
_cell.angle_alpha   90.000
_cell.angle_beta   90.000
_cell.angle_gamma   90.000
#
_symmetry.space_group_name_H-M   'P 21 21 21'
#
loop_
_entity.id
_entity.type
_entity.pdbx_description
1 polymer 'Circumsporozoite protein NPDP peptide'
2 polymer 'Ky15.7 Antibody, heavy chain'
3 polymer 'Ky15.7 Antibody, light chain'
4 non-polymer 1,2-ETHANEDIOL
5 water water
#
loop_
_entity_poly.entity_id
_entity_poly.type
_entity_poly.pdbx_seq_one_letter_code
_entity_poly.pdbx_strand_id
1 'polypeptide(L)' NPDPNANPNVDPNANP P
2 'polypeptide(L)'
;QVQVVESGGGAVQPGRSLRLSCAASGFTFSNRGMHWVRQTPGKGLEWVAIIWYDGGNKFYADSVKGRFTISRDNSKNTLY
LQMNSLRDEDTAVYYCVRAGDWKADKYTMDVWGQGTTVTVSSASTKGPSVFPLAPSSKSTSGGTAALGCLVKDYFPEPVT
VSWNSGALTSGVHTFPAVLQSSGLYSLSSVVTVPSSSLGTQTYICNVNHKPSNTKVDKKVEPKSC
;
A
3 'polypeptide(L)'
;DIQMTQSPSTLSASVGDRVTITCRASQSISSWLAWYQQKPGKAPKVLIYQASSLESGVPSRFSGSGSGTEFTLTISSLQP
DDFATYYCQQYNSYWTFGQGTKVEIKRTVAAPSVFIFPPSDEQLKSGTASVVCLLNNFYPREAKVQWKVDNALQSGNSQE
SVTEQDSKDSTYSLSSTLTLSKADYEKHKVYACEVTHQGLSSPVTKSFNRGEC
;
B
#
loop_
_chem_comp.id
_chem_comp.type
_chem_comp.name
_chem_comp.formula
EDO non-polymer 1,2-ETHANEDIOL 'C2 H6 O2'
#
# COMPACT_ATOMS: atom_id res chain seq x y z
N ASP A 3 33.22 -10.78 -2.34
CA ASP A 3 32.49 -9.53 -2.53
C ASP A 3 30.99 -9.78 -2.43
N PRO A 4 30.32 -9.09 -1.49
CA PRO A 4 28.85 -9.21 -1.43
C PRO A 4 28.16 -8.76 -2.70
N ASN A 5 28.78 -7.86 -3.46
CA ASN A 5 28.17 -7.35 -4.68
C ASN A 5 28.53 -8.17 -5.92
N ALA A 6 29.28 -9.26 -5.74
CA ALA A 6 29.59 -10.16 -6.85
C ALA A 6 28.35 -10.98 -7.22
N ASN A 7 28.46 -11.68 -8.35
CA ASN A 7 27.33 -12.44 -8.89
C ASN A 7 26.84 -13.48 -7.89
N PRO A 8 25.60 -13.37 -7.40
CA PRO A 8 25.05 -14.38 -6.49
C PRO A 8 24.20 -15.44 -7.18
N ASN A 9 24.08 -15.39 -8.50
CA ASN A 9 23.31 -16.35 -9.28
C ASN A 9 24.24 -17.38 -9.90
N VAL A 10 23.64 -18.42 -10.51
CA VAL A 10 24.44 -19.40 -11.22
C VAL A 10 25.21 -18.71 -12.33
N ASP A 11 26.49 -19.04 -12.45
CA ASP A 11 27.38 -18.46 -13.45
C ASP A 11 27.98 -19.62 -14.24
N PRO A 12 27.37 -20.01 -15.35
CA PRO A 12 27.89 -21.17 -16.10
C PRO A 12 29.27 -20.93 -16.68
N ASN A 13 29.55 -19.71 -17.13
CA ASN A 13 30.83 -19.39 -17.75
C ASN A 13 31.82 -18.85 -16.73
N GLN B 1 4.24 -15.18 -14.44
CA GLN B 1 4.91 -13.98 -13.96
C GLN B 1 5.98 -14.34 -12.94
N VAL B 2 7.12 -13.64 -13.00
CA VAL B 2 8.12 -13.75 -11.94
C VAL B 2 7.50 -13.23 -10.65
N GLN B 3 7.46 -14.07 -9.61
CA GLN B 3 6.70 -13.73 -8.41
C GLN B 3 7.37 -14.28 -7.16
N VAL B 4 7.36 -13.47 -6.11
CA VAL B 4 7.77 -13.88 -4.77
C VAL B 4 6.70 -13.39 -3.78
N VAL B 5 6.36 -14.23 -2.81
CA VAL B 5 5.25 -13.96 -1.89
C VAL B 5 5.74 -14.18 -0.46
N GLU B 6 5.78 -13.11 0.34
CA GLU B 6 6.21 -13.20 1.72
C GLU B 6 5.08 -13.71 2.61
N SER B 7 5.47 -14.38 3.69
CA SER B 7 4.50 -14.84 4.68
C SER B 7 5.15 -14.81 6.07
N GLY B 8 4.30 -14.72 7.09
CA GLY B 8 4.74 -14.88 8.47
C GLY B 8 4.71 -13.63 9.33
N GLY B 9 4.49 -12.45 8.74
CA GLY B 9 4.51 -11.23 9.53
C GLY B 9 3.29 -11.11 10.42
N GLY B 10 3.51 -10.57 11.62
CA GLY B 10 2.42 -10.33 12.54
C GLY B 10 2.92 -9.62 13.78
N ALA B 11 2.08 -9.63 14.81
CA ALA B 11 2.45 -9.04 16.09
C ALA B 11 3.38 -9.99 16.83
N VAL B 12 4.46 -9.45 17.38
CA VAL B 12 5.45 -10.22 18.12
C VAL B 12 5.95 -9.39 19.29
N GLN B 13 6.08 -10.01 20.46
CA GLN B 13 6.51 -9.30 21.64
C GLN B 13 8.00 -9.00 21.59
N PRO B 14 8.43 -7.89 22.19
CA PRO B 14 9.86 -7.59 22.24
C PRO B 14 10.63 -8.70 22.93
N GLY B 15 11.76 -9.07 22.34
CA GLY B 15 12.59 -10.13 22.87
C GLY B 15 12.30 -11.51 22.33
N ARG B 16 11.16 -11.71 21.66
CA ARG B 16 10.79 -13.01 21.14
C ARG B 16 11.24 -13.12 19.68
N SER B 17 10.90 -14.25 19.06
CA SER B 17 11.37 -14.57 17.72
CA SER B 17 11.36 -14.57 17.71
C SER B 17 10.20 -14.73 16.76
N LEU B 18 10.51 -14.67 15.46
CA LEU B 18 9.54 -14.85 14.39
C LEU B 18 10.29 -15.25 13.13
N ARG B 19 9.72 -16.17 12.37
CA ARG B 19 10.32 -16.62 11.11
C ARG B 19 9.43 -16.20 9.96
N LEU B 20 10.05 -15.59 8.95
CA LEU B 20 9.39 -15.21 7.71
C LEU B 20 9.75 -16.17 6.60
N SER B 21 8.82 -16.38 5.69
CA SER B 21 9.04 -17.23 4.53
CA SER B 21 9.02 -17.24 4.54
C SER B 21 8.71 -16.46 3.26
N CYS B 22 9.27 -16.92 2.14
CA CYS B 22 9.09 -16.28 0.84
C CYS B 22 8.94 -17.39 -0.20
N ALA B 23 7.78 -17.47 -0.83
CA ALA B 23 7.52 -18.48 -1.84
C ALA B 23 7.74 -17.91 -3.23
N ALA B 24 8.58 -18.59 -4.02
CA ALA B 24 8.98 -18.12 -5.34
C ALA B 24 8.28 -18.94 -6.42
N SER B 25 7.88 -18.27 -7.50
CA SER B 25 7.28 -18.93 -8.65
C SER B 25 7.58 -18.12 -9.90
N GLY B 26 7.48 -18.79 -11.05
CA GLY B 26 7.66 -18.12 -12.33
C GLY B 26 9.09 -17.94 -12.77
N PHE B 27 10.04 -18.49 -12.01
CA PHE B 27 11.45 -18.46 -12.40
C PHE B 27 12.14 -19.62 -11.70
N THR B 28 13.37 -19.91 -12.14
CA THR B 28 14.16 -20.98 -11.55
C THR B 28 14.78 -20.46 -10.25
N PHE B 29 14.13 -20.76 -9.12
CA PHE B 29 14.56 -20.22 -7.84
C PHE B 29 15.95 -20.71 -7.47
N SER B 30 16.27 -21.96 -7.81
CA SER B 30 17.54 -22.56 -7.41
C SER B 30 18.74 -21.88 -8.06
N ASN B 31 18.52 -21.03 -9.05
CA ASN B 31 19.61 -20.43 -9.82
C ASN B 31 19.82 -18.96 -9.47
N ARG B 32 19.07 -18.41 -8.51
CA ARG B 32 19.11 -16.98 -8.23
C ARG B 32 19.49 -16.70 -6.77
N GLY B 33 20.36 -15.71 -6.57
CA GLY B 33 20.51 -15.13 -5.26
C GLY B 33 19.24 -14.39 -4.84
N MET B 34 19.11 -14.19 -3.53
CA MET B 34 17.89 -13.62 -2.95
C MET B 34 18.25 -12.65 -1.84
N HIS B 35 17.40 -11.65 -1.64
CA HIS B 35 17.58 -10.63 -0.62
C HIS B 35 16.37 -10.59 0.32
N TRP B 36 16.61 -10.08 1.53
CA TRP B 36 15.57 -9.51 2.37
C TRP B 36 15.86 -8.02 2.54
N VAL B 37 14.82 -7.20 2.36
CA VAL B 37 14.88 -5.75 2.53
C VAL B 37 13.66 -5.36 3.36
N ARG B 38 13.81 -4.36 4.22
CA ARG B 38 12.68 -3.88 5.01
C ARG B 38 12.46 -2.39 4.81
N GLN B 39 11.24 -1.93 5.08
CA GLN B 39 10.88 -0.54 4.84
C GLN B 39 10.12 0.05 6.01
N THR B 40 10.48 1.28 6.37
CA THR B 40 9.75 2.10 7.32
C THR B 40 9.53 3.49 6.75
N PRO B 41 8.51 4.22 7.22
CA PRO B 41 8.31 5.59 6.69
C PRO B 41 9.47 6.51 6.99
N GLY B 42 10.09 6.40 8.17
CA GLY B 42 11.15 7.31 8.53
C GLY B 42 12.50 6.92 7.96
N LYS B 43 13.03 5.78 8.39
CA LYS B 43 14.34 5.36 7.92
C LYS B 43 14.32 4.81 6.50
N GLY B 44 13.16 4.58 5.92
CA GLY B 44 13.10 4.22 4.51
C GLY B 44 13.40 2.75 4.25
N LEU B 45 13.97 2.49 3.07
CA LEU B 45 14.34 1.14 2.68
C LEU B 45 15.70 0.78 3.26
N GLU B 46 15.77 -0.38 3.93
CA GLU B 46 17.00 -0.84 4.55
C GLU B 46 17.26 -2.27 4.13
N TRP B 47 18.37 -2.49 3.45
CA TRP B 47 18.79 -3.86 3.13
C TRP B 47 19.08 -4.64 4.40
N VAL B 48 18.65 -5.90 4.44
CA VAL B 48 18.78 -6.75 5.60
C VAL B 48 19.82 -7.84 5.38
N ALA B 49 19.66 -8.64 4.32
CA ALA B 49 20.53 -9.80 4.12
C ALA B 49 20.45 -10.26 2.67
N ILE B 50 21.48 -11.01 2.27
CA ILE B 50 21.54 -11.66 0.96
C ILE B 50 22.02 -13.10 1.14
N ILE B 51 21.58 -13.98 0.25
CA ILE B 51 22.06 -15.36 0.26
C ILE B 51 22.30 -15.80 -1.20
N TRP B 52 23.43 -16.47 -1.42
CA TRP B 52 23.78 -16.98 -2.73
C TRP B 52 22.78 -18.06 -3.17
N TYR B 53 22.79 -18.34 -4.48
CA TYR B 53 21.85 -19.31 -5.04
C TYR B 53 21.97 -20.68 -4.38
N ASP B 54 23.20 -21.09 -4.03
CA ASP B 54 23.40 -22.40 -3.45
C ASP B 54 23.31 -22.40 -1.93
N GLY B 55 22.91 -21.28 -1.33
CA GLY B 55 22.77 -21.20 0.10
C GLY B 55 24.06 -21.08 0.88
N GLY B 56 25.19 -20.88 0.20
CA GLY B 56 26.46 -20.78 0.87
C GLY B 56 26.77 -19.39 1.40
N ASN B 57 27.25 -18.50 0.53
CA ASN B 57 27.59 -17.15 0.94
C ASN B 57 26.36 -16.42 1.48
N LYS B 58 26.51 -15.78 2.63
CA LYS B 58 25.47 -14.97 3.23
C LYS B 58 26.11 -13.70 3.80
N PHE B 59 25.44 -12.57 3.65
CA PHE B 59 25.89 -11.30 4.22
C PHE B 59 24.72 -10.62 4.90
N TYR B 60 25.02 -9.89 5.98
CA TYR B 60 24.00 -9.28 6.81
C TYR B 60 24.32 -7.81 7.07
N ALA B 61 23.26 -7.02 7.24
CA ALA B 61 23.45 -5.64 7.69
C ALA B 61 23.85 -5.64 9.16
N ASP B 62 24.70 -4.67 9.55
CA ASP B 62 25.16 -4.60 10.92
C ASP B 62 24.00 -4.47 11.90
N SER B 63 22.90 -3.85 11.47
CA SER B 63 21.76 -3.63 12.34
C SER B 63 21.10 -4.94 12.78
N VAL B 64 21.32 -6.04 12.06
CA VAL B 64 20.71 -7.32 12.39
C VAL B 64 21.73 -8.41 12.65
N LYS B 65 23.03 -8.09 12.66
CA LYS B 65 24.06 -9.10 12.87
C LYS B 65 23.87 -9.80 14.21
N GLY B 66 23.97 -11.12 14.22
CA GLY B 66 23.83 -11.90 15.43
C GLY B 66 22.40 -12.20 15.84
N ARG B 67 21.42 -11.56 15.22
CA ARG B 67 20.01 -11.78 15.56
C ARG B 67 19.21 -12.38 14.41
N PHE B 68 19.51 -12.00 13.16
CA PHE B 68 18.77 -12.50 12.01
C PHE B 68 19.62 -13.53 11.26
N THR B 69 18.94 -14.53 10.68
CA THR B 69 19.60 -15.57 9.90
C THR B 69 18.81 -15.82 8.62
N ILE B 70 19.50 -15.76 7.48
CA ILE B 70 18.87 -16.02 6.18
C ILE B 70 19.18 -17.45 5.78
N SER B 71 18.20 -18.11 5.18
CA SER B 71 18.37 -19.46 4.68
C SER B 71 17.41 -19.68 3.51
N ARG B 72 17.51 -20.84 2.87
CA ARG B 72 16.68 -21.13 1.73
C ARG B 72 16.58 -22.64 1.54
N ASP B 73 15.47 -23.07 0.94
CA ASP B 73 15.21 -24.47 0.61
C ASP B 73 14.91 -24.51 -0.89
N ASN B 74 15.92 -24.81 -1.70
CA ASN B 74 15.72 -24.77 -3.15
C ASN B 74 14.74 -25.84 -3.62
N SER B 75 14.67 -26.97 -2.92
CA SER B 75 13.72 -28.02 -3.30
C SER B 75 12.28 -27.58 -3.06
N LYS B 76 12.04 -26.64 -2.14
CA LYS B 76 10.70 -26.13 -1.87
C LYS B 76 10.48 -24.73 -2.42
N ASN B 77 11.47 -24.16 -3.11
CA ASN B 77 11.36 -22.83 -3.71
C ASN B 77 10.99 -21.77 -2.67
N THR B 78 11.66 -21.83 -1.53
CA THR B 78 11.32 -20.98 -0.39
C THR B 78 12.57 -20.33 0.19
N LEU B 79 12.45 -19.05 0.50
CA LEU B 79 13.47 -18.27 1.21
C LEU B 79 12.98 -17.99 2.62
N TYR B 80 13.89 -18.03 3.60
CA TYR B 80 13.52 -17.85 5.00
C TYR B 80 14.30 -16.71 5.63
N LEU B 81 13.70 -16.12 6.67
CA LEU B 81 14.39 -15.16 7.52
C LEU B 81 14.00 -15.46 8.97
N GLN B 82 14.95 -15.98 9.75
CA GLN B 82 14.76 -16.21 11.17
C GLN B 82 15.18 -14.97 11.92
N MET B 83 14.26 -14.37 12.67
CA MET B 83 14.49 -13.13 13.40
C MET B 83 14.37 -13.39 14.89
N ASN B 84 15.49 -13.28 15.60
CA ASN B 84 15.52 -13.48 17.04
C ASN B 84 15.78 -12.16 17.76
N SER B 85 15.43 -12.12 19.04
CA SER B 85 15.68 -10.97 19.91
C SER B 85 15.10 -9.69 19.30
N LEU B 86 13.83 -9.75 18.92
CA LEU B 86 13.20 -8.64 18.21
C LEU B 86 13.04 -7.43 19.11
N ARG B 87 13.29 -6.26 18.54
CA ARG B 87 13.17 -4.99 19.23
C ARG B 87 12.12 -4.13 18.55
N ASP B 88 11.77 -3.01 19.20
CA ASP B 88 10.78 -2.12 18.63
C ASP B 88 11.22 -1.58 17.28
N GLU B 89 12.51 -1.27 17.13
CA GLU B 89 13.01 -0.72 15.87
C GLU B 89 13.06 -1.75 14.75
N ASP B 90 12.70 -3.01 15.01
CA ASP B 90 12.59 -4.00 13.95
C ASP B 90 11.23 -4.00 13.26
N THR B 91 10.26 -3.24 13.78
CA THR B 91 8.97 -3.12 13.12
C THR B 91 9.15 -2.50 11.74
N ALA B 92 8.64 -3.20 10.72
CA ALA B 92 8.75 -2.76 9.33
C ALA B 92 7.94 -3.70 8.46
N VAL B 93 7.78 -3.30 7.20
CA VAL B 93 7.34 -4.21 6.15
C VAL B 93 8.60 -4.89 5.60
N TYR B 94 8.57 -6.21 5.56
CA TYR B 94 9.72 -7.00 5.12
C TYR B 94 9.46 -7.52 3.72
N TYR B 95 10.37 -7.22 2.80
CA TYR B 95 10.28 -7.63 1.41
C TYR B 95 11.31 -8.70 1.11
N CYS B 96 10.89 -9.71 0.37
CA CYS B 96 11.78 -10.67 -0.25
CA CYS B 96 11.84 -10.64 -0.24
C CYS B 96 12.02 -10.24 -1.70
N VAL B 97 13.28 -10.17 -2.12
CA VAL B 97 13.64 -9.59 -3.40
C VAL B 97 14.59 -10.52 -4.13
N ARG B 98 14.34 -10.74 -5.42
CA ARG B 98 15.21 -11.55 -6.25
C ARG B 98 16.41 -10.75 -6.71
N ALA B 99 17.57 -11.40 -6.76
CA ALA B 99 18.75 -10.75 -7.31
C ALA B 99 18.63 -10.63 -8.82
N GLY B 100 19.01 -9.47 -9.35
CA GLY B 100 19.09 -9.29 -10.78
C GLY B 100 20.29 -10.02 -11.36
N ASP B 101 20.14 -10.52 -12.59
CA ASP B 101 21.19 -11.30 -13.25
C ASP B 101 21.75 -10.58 -14.47
N TRP B 102 21.75 -9.25 -14.45
CA TRP B 102 22.34 -8.50 -15.55
C TRP B 102 23.86 -8.62 -15.52
N LYS B 103 24.44 -8.99 -16.65
CA LYS B 103 25.87 -9.27 -16.75
C LYS B 103 26.71 -8.01 -16.50
N ALA B 104 27.44 -7.97 -15.39
CA ALA B 104 28.21 -6.81 -14.98
C ALA B 104 29.16 -7.21 -13.86
N ASP B 105 29.99 -6.25 -13.43
CA ASP B 105 30.90 -6.50 -12.32
C ASP B 105 30.16 -6.53 -10.97
N LYS B 106 29.09 -5.75 -10.83
CA LYS B 106 28.35 -5.61 -9.59
C LYS B 106 26.90 -6.05 -9.80
N TYR B 107 26.23 -6.39 -8.70
CA TYR B 107 24.90 -6.98 -8.79
C TYR B 107 23.98 -6.41 -7.72
N THR B 108 22.68 -6.37 -8.05
CA THR B 108 21.68 -5.86 -7.13
C THR B 108 20.40 -6.69 -7.25
N MET B 109 19.24 -6.04 -7.15
CA MET B 109 17.96 -6.75 -7.03
C MET B 109 16.97 -6.22 -8.05
N ASP B 110 16.07 -7.09 -8.52
CA ASP B 110 15.09 -6.68 -9.52
C ASP B 110 13.65 -6.81 -9.04
N VAL B 111 13.15 -8.02 -8.76
CA VAL B 111 11.72 -8.24 -8.50
C VAL B 111 11.47 -8.37 -7.01
N TRP B 112 10.51 -7.59 -6.51
CA TRP B 112 10.13 -7.55 -5.10
C TRP B 112 8.78 -8.24 -4.89
N GLY B 113 8.58 -8.79 -3.68
CA GLY B 113 7.27 -9.29 -3.30
C GLY B 113 6.40 -8.21 -2.68
N GLN B 114 5.13 -8.57 -2.43
CA GLN B 114 4.17 -7.61 -1.89
C GLN B 114 4.51 -7.15 -0.47
N GLY B 115 5.32 -7.91 0.25
CA GLY B 115 5.70 -7.53 1.59
C GLY B 115 4.86 -8.24 2.65
N THR B 116 5.46 -8.38 3.83
CA THR B 116 4.75 -8.85 5.01
C THR B 116 5.16 -7.96 6.18
N THR B 117 4.20 -7.64 7.04
CA THR B 117 4.39 -6.63 8.07
C THR B 117 4.70 -7.30 9.41
N VAL B 118 5.82 -6.91 10.01
CA VAL B 118 6.22 -7.37 11.34
C VAL B 118 6.02 -6.18 12.29
N THR B 119 5.19 -6.39 13.31
CA THR B 119 4.86 -5.35 14.29
C THR B 119 5.30 -5.83 15.66
N VAL B 120 6.40 -5.27 16.17
CA VAL B 120 6.89 -5.61 17.49
C VAL B 120 6.07 -4.83 18.52
N SER B 121 5.34 -5.55 19.36
CA SER B 121 4.33 -4.96 20.22
C SER B 121 3.93 -5.94 21.29
N SER B 122 3.49 -5.42 22.43
CA SER B 122 2.94 -6.25 23.49
C SER B 122 1.43 -6.45 23.36
N ALA B 123 0.78 -5.78 22.40
CA ALA B 123 -0.66 -5.89 22.24
C ALA B 123 -1.03 -7.21 21.56
N SER B 124 -2.24 -7.67 21.84
CA SER B 124 -2.70 -8.96 21.34
C SER B 124 -3.23 -8.85 19.91
N THR B 125 -3.06 -9.92 19.15
CA THR B 125 -3.63 -9.99 17.81
C THR B 125 -5.14 -10.15 17.89
N LYS B 126 -5.86 -9.41 17.06
CA LYS B 126 -7.31 -9.48 17.01
C LYS B 126 -7.77 -9.48 15.56
N GLY B 127 -8.58 -10.47 15.20
CA GLY B 127 -9.13 -10.54 13.86
C GLY B 127 -10.27 -9.56 13.67
N PRO B 128 -10.55 -9.18 12.43
CA PRO B 128 -11.54 -8.14 12.18
C PRO B 128 -12.97 -8.68 12.09
N SER B 129 -13.91 -7.76 12.20
CA SER B 129 -15.30 -8.00 11.84
C SER B 129 -15.57 -7.32 10.51
N VAL B 130 -16.38 -7.97 9.67
CA VAL B 130 -16.69 -7.49 8.33
C VAL B 130 -18.18 -7.24 8.23
N PHE B 131 -18.55 -6.04 7.79
CA PHE B 131 -19.95 -5.66 7.62
C PHE B 131 -20.18 -5.13 6.22
N PRO B 132 -21.34 -5.38 5.64
CA PRO B 132 -21.61 -4.89 4.29
C PRO B 132 -21.93 -3.40 4.28
N LEU B 133 -21.49 -2.74 3.22
CA LEU B 133 -21.93 -1.38 2.90
C LEU B 133 -22.85 -1.53 1.70
N ALA B 134 -24.13 -1.76 1.98
CA ALA B 134 -25.06 -2.18 0.95
C ALA B 134 -25.46 -1.00 0.06
N PRO B 135 -25.59 -1.22 -1.25
CA PRO B 135 -26.04 -0.14 -2.13
C PRO B 135 -27.53 0.11 -1.93
N SER B 136 -27.91 1.39 -2.05
CA SER B 136 -29.30 1.80 -1.90
C SER B 136 -29.48 3.12 -2.64
N SER B 137 -30.70 3.67 -2.54
CA SER B 137 -30.95 4.98 -3.14
C SER B 137 -30.03 6.04 -2.56
N LYS B 138 -29.57 5.88 -1.32
CA LYS B 138 -28.70 6.85 -0.68
C LYS B 138 -27.25 6.72 -1.11
N SER B 139 -26.90 5.69 -1.87
CA SER B 139 -25.57 5.49 -2.40
C SER B 139 -25.62 5.25 -3.90
N THR B 140 -26.55 5.91 -4.57
CA THR B 140 -26.67 5.87 -6.01
C THR B 140 -26.77 7.30 -6.53
N SER B 141 -26.06 7.57 -7.62
CA SER B 141 -26.06 8.91 -8.22
C SER B 141 -25.69 8.81 -9.69
N GLY B 142 -26.49 9.46 -10.54
CA GLY B 142 -26.18 9.54 -11.96
C GLY B 142 -26.08 8.20 -12.66
N GLY B 143 -26.87 7.21 -12.23
CA GLY B 143 -26.82 5.88 -12.81
C GLY B 143 -25.74 4.99 -12.24
N THR B 144 -24.96 5.47 -11.28
CA THR B 144 -23.90 4.70 -10.67
CA THR B 144 -23.89 4.72 -10.66
C THR B 144 -24.24 4.40 -9.21
N ALA B 145 -23.97 3.17 -8.78
CA ALA B 145 -24.20 2.73 -7.41
C ALA B 145 -22.87 2.46 -6.72
N ALA B 146 -22.76 2.88 -5.47
CA ALA B 146 -21.59 2.57 -4.65
C ALA B 146 -21.96 1.52 -3.61
N LEU B 147 -21.01 0.64 -3.32
CA LEU B 147 -21.17 -0.42 -2.32
C LEU B 147 -19.79 -0.77 -1.80
N GLY B 148 -19.74 -1.54 -0.72
CA GLY B 148 -18.45 -1.90 -0.17
C GLY B 148 -18.54 -2.80 1.04
N CYS B 149 -17.42 -2.87 1.77
CA CYS B 149 -17.33 -3.65 3.00
C CYS B 149 -16.56 -2.87 4.05
N LEU B 150 -17.09 -2.90 5.27
CA LEU B 150 -16.45 -2.29 6.43
C LEU B 150 -15.71 -3.37 7.23
N VAL B 151 -14.42 -3.15 7.45
CA VAL B 151 -13.56 -4.09 8.16
C VAL B 151 -13.09 -3.39 9.44
N LYS B 152 -13.57 -3.85 10.59
CA LYS B 152 -13.47 -3.09 11.83
C LYS B 152 -12.79 -3.90 12.93
N ASP B 153 -11.96 -3.21 13.71
CA ASP B 153 -11.44 -3.70 15.00
C ASP B 153 -10.47 -4.86 14.80
N TYR B 154 -9.33 -4.56 14.19
CA TYR B 154 -8.30 -5.57 14.02
C TYR B 154 -6.93 -5.04 14.45
N PHE B 155 -6.01 -5.96 14.72
CA PHE B 155 -4.64 -5.64 15.07
C PHE B 155 -3.81 -6.89 14.87
N PRO B 156 -2.59 -6.79 14.33
CA PRO B 156 -1.99 -5.56 13.80
C PRO B 156 -2.39 -5.36 12.34
N GLU B 157 -1.80 -4.36 11.68
CA GLU B 157 -1.93 -4.24 10.25
C GLU B 157 -1.13 -5.35 9.56
N PRO B 158 -1.46 -5.69 8.30
CA PRO B 158 -2.53 -5.11 7.49
C PRO B 158 -3.69 -6.05 7.19
N VAL B 159 -4.78 -5.46 6.72
CA VAL B 159 -5.88 -6.17 6.08
C VAL B 159 -5.80 -5.89 4.59
N THR B 160 -5.99 -6.93 3.78
CA THR B 160 -6.16 -6.75 2.34
C THR B 160 -7.59 -7.11 1.96
N VAL B 161 -8.08 -6.46 0.91
CA VAL B 161 -9.43 -6.68 0.40
C VAL B 161 -9.35 -6.85 -1.11
N SER B 162 -9.90 -7.94 -1.62
CA SER B 162 -10.15 -8.13 -3.03
C SER B 162 -11.66 -8.24 -3.24
N TRP B 163 -12.07 -8.20 -4.51
CA TRP B 163 -13.46 -8.28 -4.88
C TRP B 163 -13.64 -9.37 -5.92
N ASN B 164 -14.60 -10.27 -5.67
CA ASN B 164 -14.89 -11.39 -6.57
C ASN B 164 -13.63 -12.21 -6.85
N SER B 165 -12.87 -12.46 -5.77
CA SER B 165 -11.65 -13.29 -5.81
C SER B 165 -10.60 -12.71 -6.76
N GLY B 166 -10.59 -11.39 -6.90
CA GLY B 166 -9.64 -10.71 -7.76
C GLY B 166 -10.13 -10.42 -9.16
N ALA B 167 -11.32 -10.93 -9.54
CA ALA B 167 -11.82 -10.67 -10.89
C ALA B 167 -12.38 -9.27 -11.05
N LEU B 168 -12.68 -8.59 -9.95
CA LEU B 168 -13.26 -7.26 -9.93
C LEU B 168 -12.23 -6.29 -9.37
N THR B 169 -11.71 -5.40 -10.22
CA THR B 169 -10.71 -4.42 -9.80
C THR B 169 -11.04 -2.99 -10.21
N SER B 170 -11.81 -2.78 -11.27
CA SER B 170 -12.10 -1.42 -11.71
C SER B 170 -13.00 -0.70 -10.71
N GLY B 171 -12.68 0.57 -10.45
CA GLY B 171 -13.50 1.39 -9.58
C GLY B 171 -13.39 1.09 -8.11
N VAL B 172 -12.46 0.24 -7.70
CA VAL B 172 -12.30 -0.15 -6.30
C VAL B 172 -11.41 0.86 -5.60
N HIS B 173 -11.81 1.29 -4.41
CA HIS B 173 -10.98 2.09 -3.53
C HIS B 173 -10.93 1.40 -2.17
N THR B 174 -9.75 0.90 -1.78
CA THR B 174 -9.57 0.33 -0.46
C THR B 174 -8.79 1.34 0.38
N PHE B 175 -9.46 1.95 1.36
CA PHE B 175 -8.89 3.10 2.04
C PHE B 175 -7.78 2.68 3.00
N PRO B 176 -6.78 3.55 3.18
CA PRO B 176 -5.83 3.33 4.27
C PRO B 176 -6.55 3.24 5.60
N ALA B 177 -6.08 2.33 6.45
CA ALA B 177 -6.72 2.11 7.74
C ALA B 177 -6.58 3.33 8.63
N VAL B 178 -7.54 3.51 9.54
CA VAL B 178 -7.46 4.51 10.58
C VAL B 178 -7.19 3.81 11.91
N LEU B 179 -6.55 4.53 12.81
CA LEU B 179 -6.26 4.05 14.15
C LEU B 179 -7.34 4.54 15.09
N GLN B 180 -8.12 3.62 15.66
CA GLN B 180 -9.14 4.00 16.61
C GLN B 180 -8.51 4.22 17.99
N SER B 181 -9.26 4.92 18.86
CA SER B 181 -8.74 5.24 20.18
C SER B 181 -8.48 4.01 21.03
N SER B 182 -9.09 2.87 20.68
CA SER B 182 -8.85 1.63 21.38
C SER B 182 -7.52 0.99 21.04
N GLY B 183 -6.82 1.50 20.03
CA GLY B 183 -5.61 0.87 19.53
C GLY B 183 -5.85 -0.13 18.41
N LEU B 184 -7.10 -0.37 18.04
CA LEU B 184 -7.44 -1.26 16.93
C LEU B 184 -7.63 -0.46 15.66
N TYR B 185 -7.41 -1.11 14.52
CA TYR B 185 -7.53 -0.49 13.21
C TYR B 185 -8.88 -0.80 12.59
N SER B 186 -9.24 0.01 11.59
CA SER B 186 -10.45 -0.19 10.81
CA SER B 186 -10.45 -0.19 10.81
C SER B 186 -10.24 0.42 9.44
N LEU B 187 -10.83 -0.21 8.42
CA LEU B 187 -10.78 0.34 7.06
C LEU B 187 -12.08 -0.03 6.35
N SER B 188 -12.26 0.56 5.17
CA SER B 188 -13.34 0.18 4.28
C SER B 188 -12.79 0.06 2.86
N SER B 189 -13.45 -0.79 2.07
CA SER B 189 -13.19 -0.93 0.65
C SER B 189 -14.51 -0.70 -0.08
N VAL B 190 -14.50 0.15 -1.10
CA VAL B 190 -15.71 0.49 -1.82
C VAL B 190 -15.48 0.31 -3.31
N VAL B 191 -16.58 0.24 -4.06
CA VAL B 191 -16.53 0.10 -5.52
C VAL B 191 -17.78 0.75 -6.09
N THR B 192 -17.65 1.33 -7.28
CA THR B 192 -18.77 1.91 -8.01
C THR B 192 -19.10 1.02 -9.21
N VAL B 193 -20.39 0.73 -9.39
CA VAL B 193 -20.88 -0.21 -10.40
C VAL B 193 -22.11 0.39 -11.07
N PRO B 194 -22.63 -0.18 -12.16
CA PRO B 194 -23.88 0.35 -12.71
C PRO B 194 -25.05 0.06 -11.77
N SER B 195 -25.93 1.05 -11.60
CA SER B 195 -27.14 0.80 -10.83
C SER B 195 -28.05 -0.16 -11.56
N SER B 196 -27.93 -0.25 -12.89
CA SER B 196 -28.85 -1.05 -13.70
C SER B 196 -28.74 -2.54 -13.42
N SER B 197 -27.62 -3.02 -12.88
CA SER B 197 -27.37 -4.45 -12.79
C SER B 197 -27.21 -4.94 -11.35
N LEU B 198 -27.65 -4.15 -10.36
CA LEU B 198 -27.58 -4.61 -8.98
C LEU B 198 -28.40 -5.89 -8.78
N GLY B 199 -29.43 -6.11 -9.60
CA GLY B 199 -30.24 -7.30 -9.46
C GLY B 199 -29.62 -8.56 -10.03
N THR B 200 -28.68 -8.43 -10.98
CA THR B 200 -28.12 -9.58 -11.68
C THR B 200 -26.67 -9.87 -11.35
N GLN B 201 -25.88 -8.89 -10.92
CA GLN B 201 -24.47 -9.12 -10.64
C GLN B 201 -24.26 -9.41 -9.15
N THR B 202 -23.24 -10.21 -8.87
CA THR B 202 -22.87 -10.57 -7.51
C THR B 202 -21.54 -9.92 -7.15
N TYR B 203 -21.51 -9.22 -6.02
CA TYR B 203 -20.32 -8.52 -5.56
C TYR B 203 -19.93 -9.05 -4.18
N ILE B 204 -18.78 -9.70 -4.10
CA ILE B 204 -18.29 -10.32 -2.88
C ILE B 204 -16.94 -9.72 -2.53
N CYS B 205 -16.82 -9.21 -1.30
CA CYS B 205 -15.53 -8.71 -0.83
C CYS B 205 -14.81 -9.83 -0.09
N ASN B 206 -13.52 -9.99 -0.40
CA ASN B 206 -12.67 -11.01 0.19
C ASN B 206 -11.68 -10.31 1.11
N VAL B 207 -11.91 -10.43 2.41
CA VAL B 207 -11.08 -9.80 3.43
C VAL B 207 -10.11 -10.84 3.97
N ASN B 208 -8.82 -10.50 4.01
CA ASN B 208 -7.80 -11.38 4.56
C ASN B 208 -7.00 -10.61 5.59
N HIS B 209 -6.96 -11.11 6.82
CA HIS B 209 -6.10 -10.58 7.87
C HIS B 209 -5.12 -11.69 8.20
N LYS B 210 -4.01 -11.72 7.46
CA LYS B 210 -3.06 -12.82 7.62
C LYS B 210 -2.46 -12.92 9.02
N PRO B 211 -2.20 -11.83 9.76
CA PRO B 211 -1.69 -12.01 11.13
C PRO B 211 -2.57 -12.86 12.02
N SER B 212 -3.89 -12.85 11.82
CA SER B 212 -4.80 -13.68 12.59
C SER B 212 -5.35 -14.85 11.79
N ASN B 213 -4.86 -15.04 10.56
CA ASN B 213 -5.38 -16.05 9.63
C ASN B 213 -6.91 -15.99 9.55
N THR B 214 -7.43 -14.77 9.48
CA THR B 214 -8.86 -14.54 9.35
C THR B 214 -9.18 -14.21 7.89
N LYS B 215 -10.00 -15.06 7.27
CA LYS B 215 -10.45 -14.83 5.90
C LYS B 215 -11.97 -14.83 5.88
N VAL B 216 -12.55 -13.76 5.35
CA VAL B 216 -14.00 -13.58 5.33
C VAL B 216 -14.42 -13.22 3.90
N ASP B 217 -15.41 -13.94 3.39
CA ASP B 217 -16.05 -13.62 2.12
C ASP B 217 -17.47 -13.16 2.41
N LYS B 218 -17.79 -11.91 2.04
CA LYS B 218 -19.08 -11.32 2.34
C LYS B 218 -19.75 -10.87 1.05
N LYS B 219 -20.87 -11.50 0.72
CA LYS B 219 -21.68 -11.06 -0.41
C LYS B 219 -22.46 -9.82 -0.01
N VAL B 220 -22.29 -8.73 -0.77
CA VAL B 220 -22.94 -7.47 -0.46
C VAL B 220 -24.26 -7.40 -1.23
N GLU B 221 -25.38 -7.50 -0.50
CA GLU B 221 -26.72 -7.54 -1.07
C GLU B 221 -27.31 -6.14 -1.17
N PRO B 222 -27.94 -5.80 -2.28
CA PRO B 222 -28.59 -4.49 -2.41
C PRO B 222 -29.74 -4.33 -1.43
N LYS B 223 -29.92 -3.12 -0.93
CA LYS B 223 -31.01 -2.78 -0.04
C LYS B 223 -32.13 -2.11 -0.80
N SER B 224 -33.38 -2.45 -0.46
CA SER B 224 -34.54 -1.89 -1.13
C SER B 224 -35.04 -0.62 -0.43
N CYS B 225 -34.17 0.39 -0.42
CA CYS B 225 -34.53 1.71 0.09
C CYS B 225 -33.84 2.82 -0.70
N ASP C 1 30.34 3.01 4.81
CA ASP C 1 29.00 2.89 4.25
C ASP C 1 28.66 4.11 3.39
N ILE C 2 28.02 3.87 2.26
CA ILE C 2 27.73 4.90 1.27
C ILE C 2 26.31 5.40 1.47
N GLN C 3 26.17 6.72 1.62
CA GLN C 3 24.87 7.35 1.81
C GLN C 3 24.40 7.97 0.50
N MET C 4 23.14 7.74 0.16
CA MET C 4 22.52 8.32 -1.03
C MET C 4 21.54 9.41 -0.63
N THR C 5 21.60 10.55 -1.31
CA THR C 5 20.76 11.70 -1.02
C THR C 5 20.00 12.10 -2.28
N GLN C 6 18.68 12.19 -2.17
CA GLN C 6 17.82 12.56 -3.30
C GLN C 6 17.26 13.96 -3.13
N SER C 7 16.94 14.59 -4.26
CA SER C 7 16.37 15.91 -4.30
C SER C 7 15.57 16.05 -5.58
N PRO C 8 14.34 16.61 -5.52
CA PRO C 8 13.71 17.07 -4.27
C PRO C 8 13.06 15.91 -3.51
N SER C 9 12.55 16.17 -2.30
CA SER C 9 11.84 15.14 -1.57
CA SER C 9 11.85 15.13 -1.57
C SER C 9 10.43 14.92 -2.09
N THR C 10 9.80 15.98 -2.59
CA THR C 10 8.46 15.91 -3.16
C THR C 10 8.41 16.89 -4.33
N LEU C 11 7.66 16.52 -5.36
CA LEU C 11 7.46 17.42 -6.49
C LEU C 11 6.05 17.24 -7.04
N SER C 12 5.45 18.34 -7.49
CA SER C 12 4.15 18.33 -8.14
CA SER C 12 4.15 18.34 -8.14
C SER C 12 4.33 18.76 -9.58
N ALA C 13 3.72 18.01 -10.51
CA ALA C 13 3.82 18.32 -11.92
C ALA C 13 2.54 17.92 -12.63
N SER C 14 2.35 18.45 -13.82
CA SER C 14 1.18 18.16 -14.64
C SER C 14 1.52 17.09 -15.68
N VAL C 15 0.46 16.47 -16.22
CA VAL C 15 0.64 15.48 -17.27
C VAL C 15 1.30 16.14 -18.48
N GLY C 16 2.39 15.53 -18.96
CA GLY C 16 3.15 16.06 -20.06
C GLY C 16 4.40 16.82 -19.66
N ASP C 17 4.57 17.11 -18.38
CA ASP C 17 5.77 17.80 -17.91
C ASP C 17 6.97 16.86 -17.90
N ARG C 18 8.15 17.45 -17.99
CA ARG C 18 9.40 16.72 -17.84
C ARG C 18 9.84 16.81 -16.38
N VAL C 19 10.04 15.65 -15.75
CA VAL C 19 10.39 15.55 -14.34
C VAL C 19 11.83 15.07 -14.23
N THR C 20 12.60 15.73 -13.36
CA THR C 20 14.02 15.42 -13.16
C THR C 20 14.25 15.20 -11.67
N ILE C 21 14.69 13.99 -11.30
CA ILE C 21 15.00 13.63 -9.93
C ILE C 21 16.50 13.41 -9.83
N THR C 22 17.13 14.01 -8.83
CA THR C 22 18.58 13.92 -8.66
C THR C 22 18.91 13.02 -7.47
N CYS C 23 20.07 12.37 -7.55
CA CYS C 23 20.54 11.45 -6.52
C CYS C 23 22.05 11.62 -6.41
N ARG C 24 22.54 11.83 -5.20
CA ARG C 24 23.95 12.10 -4.95
C ARG C 24 24.52 11.04 -4.00
N ALA C 25 25.69 10.51 -4.34
CA ALA C 25 26.36 9.52 -3.52
C ALA C 25 27.46 10.18 -2.69
N SER C 26 27.65 9.66 -1.47
CA SER C 26 28.66 10.22 -0.57
C SER C 26 30.07 9.96 -1.08
N GLN C 27 30.25 8.91 -1.86
CA GLN C 27 31.52 8.61 -2.51
C GLN C 27 31.23 8.00 -3.86
N SER C 28 32.26 7.88 -4.70
CA SER C 28 32.07 7.40 -6.06
C SER C 28 31.51 5.98 -6.06
N ILE C 29 30.45 5.78 -6.83
CA ILE C 29 29.88 4.45 -7.05
C ILE C 29 29.96 4.04 -8.51
N SER C 30 30.75 4.77 -9.31
CA SER C 30 30.93 4.49 -10.74
C SER C 30 29.57 4.58 -11.41
N SER C 31 29.10 3.53 -12.10
CA SER C 31 27.77 3.52 -12.70
C SER C 31 26.82 2.57 -11.98
N TRP C 32 27.16 2.16 -10.76
CA TRP C 32 26.38 1.17 -10.02
C TRP C 32 25.24 1.87 -9.27
N LEU C 33 24.25 2.28 -10.06
CA LEU C 33 23.09 2.99 -9.53
C LEU C 33 21.84 2.41 -10.16
N ALA C 34 20.86 2.08 -9.33
CA ALA C 34 19.59 1.57 -9.80
C ALA C 34 18.47 2.50 -9.35
N TRP C 35 17.42 2.58 -10.14
CA TRP C 35 16.24 3.37 -9.83
C TRP C 35 15.03 2.46 -9.68
N TYR C 36 14.22 2.70 -8.64
CA TYR C 36 13.01 1.93 -8.39
C TYR C 36 11.81 2.85 -8.27
N GLN C 37 10.64 2.31 -8.60
CA GLN C 37 9.37 3.02 -8.51
C GLN C 37 8.44 2.28 -7.55
N GLN C 38 7.85 2.99 -6.61
CA GLN C 38 6.96 2.37 -5.63
C GLN C 38 5.68 3.17 -5.48
N LYS C 39 4.56 2.48 -5.60
CA LYS C 39 3.24 3.06 -5.37
C LYS C 39 2.75 2.71 -3.97
N PRO C 40 1.90 3.55 -3.35
CA PRO C 40 1.49 3.30 -1.97
C PRO C 40 0.91 1.90 -1.79
N GLY C 41 1.35 1.24 -0.71
CA GLY C 41 0.91 -0.10 -0.40
C GLY C 41 1.45 -1.17 -1.32
N LYS C 42 2.29 -0.82 -2.28
CA LYS C 42 2.78 -1.74 -3.30
C LYS C 42 4.28 -1.89 -3.18
N ALA C 43 4.80 -2.90 -3.86
CA ALA C 43 6.21 -3.19 -3.84
C ALA C 43 6.96 -2.32 -4.83
N PRO C 44 8.23 -2.00 -4.55
CA PRO C 44 9.04 -1.30 -5.55
C PRO C 44 9.21 -2.16 -6.80
N LYS C 45 9.33 -1.48 -7.94
CA LYS C 45 9.64 -2.13 -9.20
C LYS C 45 10.86 -1.46 -9.80
N VAL C 46 11.76 -2.24 -10.38
CA VAL C 46 13.00 -1.68 -10.92
C VAL C 46 12.71 -1.02 -12.26
N LEU C 47 13.25 0.17 -12.45
CA LEU C 47 13.15 0.90 -13.72
C LEU C 47 14.46 0.89 -14.49
N ILE C 48 15.57 1.22 -13.82
CA ILE C 48 16.85 1.43 -14.47
C ILE C 48 17.93 0.77 -13.63
N TYR C 49 18.89 0.13 -14.31
CA TYR C 49 20.07 -0.41 -13.66
C TYR C 49 21.30 0.06 -14.42
N GLN C 50 22.46 -0.05 -13.76
CA GLN C 50 23.73 0.43 -14.31
C GLN C 50 23.61 1.88 -14.79
N ALA C 51 22.91 2.69 -13.99
CA ALA C 51 22.75 4.13 -14.17
C ALA C 51 21.90 4.51 -15.38
N SER C 52 21.95 3.74 -16.47
CA SER C 52 21.27 4.14 -17.70
C SER C 52 20.55 3.03 -18.45
N SER C 53 20.63 1.78 -17.99
CA SER C 53 20.02 0.68 -18.72
C SER C 53 18.55 0.55 -18.33
N LEU C 54 17.68 0.51 -19.34
CA LEU C 54 16.25 0.39 -19.11
C LEU C 54 15.88 -1.08 -19.00
N GLU C 55 15.19 -1.43 -17.92
CA GLU C 55 14.75 -2.81 -17.73
C GLU C 55 13.63 -3.15 -18.71
N SER C 56 13.52 -4.44 -19.04
CA SER C 56 12.52 -4.90 -19.99
C SER C 56 11.12 -4.53 -19.52
N GLY C 57 10.32 -3.96 -20.43
CA GLY C 57 8.96 -3.59 -20.13
C GLY C 57 8.77 -2.20 -19.56
N VAL C 58 9.86 -1.50 -19.25
CA VAL C 58 9.76 -0.15 -18.67
C VAL C 58 9.56 0.86 -19.80
N PRO C 59 8.62 1.80 -19.66
CA PRO C 59 8.41 2.79 -20.72
C PRO C 59 9.66 3.62 -20.99
N SER C 60 9.85 3.96 -22.26
CA SER C 60 11.03 4.69 -22.70
C SER C 60 11.09 6.12 -22.20
N ARG C 61 9.98 6.67 -21.67
CA ARG C 61 10.02 8.01 -21.11
C ARG C 61 10.87 8.10 -19.86
N PHE C 62 11.23 6.97 -19.25
CA PHE C 62 12.15 6.95 -18.12
C PHE C 62 13.57 6.81 -18.64
N SER C 63 14.43 7.77 -18.28
CA SER C 63 15.82 7.73 -18.69
C SER C 63 16.72 8.01 -17.48
N GLY C 64 17.85 7.33 -17.43
CA GLY C 64 18.81 7.47 -16.35
C GLY C 64 20.12 8.00 -16.88
N SER C 65 20.79 8.82 -16.07
CA SER C 65 22.05 9.43 -16.48
C SER C 65 22.96 9.59 -15.26
N GLY C 66 24.24 9.79 -15.52
CA GLY C 66 25.19 10.12 -14.48
C GLY C 66 26.20 9.02 -14.26
N SER C 67 27.22 9.37 -13.48
CA SER C 67 28.28 8.48 -13.08
C SER C 67 29.01 9.13 -11.91
N GLY C 68 29.79 8.32 -11.21
CA GLY C 68 30.57 8.82 -10.08
C GLY C 68 29.72 9.09 -8.86
N THR C 69 29.35 10.35 -8.65
CA THR C 69 28.59 10.75 -7.48
C THR C 69 27.28 11.47 -7.80
N GLU C 70 27.02 11.81 -9.06
CA GLU C 70 25.83 12.56 -9.42
C GLU C 70 25.04 11.81 -10.48
N PHE C 71 23.75 11.61 -10.22
CA PHE C 71 22.87 10.81 -11.08
C PHE C 71 21.53 11.51 -11.22
N THR C 72 20.85 11.24 -12.33
CA THR C 72 19.57 11.88 -12.64
CA THR C 72 19.56 11.88 -12.61
C THR C 72 18.61 10.86 -13.22
N LEU C 73 17.36 10.88 -12.74
CA LEU C 73 16.27 10.14 -13.34
C LEU C 73 15.35 11.15 -14.04
N THR C 74 15.08 10.92 -15.32
CA THR C 74 14.29 11.85 -16.12
C THR C 74 13.04 11.15 -16.63
N ILE C 75 11.88 11.77 -16.40
CA ILE C 75 10.62 11.35 -16.99
C ILE C 75 10.26 12.36 -18.07
N SER C 76 10.38 11.96 -19.33
CA SER C 76 10.28 12.93 -20.43
C SER C 76 8.90 13.55 -20.51
N SER C 77 7.84 12.75 -20.37
CA SER C 77 6.47 13.23 -20.43
C SER C 77 5.68 12.51 -19.33
N LEU C 78 5.42 13.22 -18.23
CA LEU C 78 4.79 12.61 -17.07
C LEU C 78 3.38 12.13 -17.40
N GLN C 79 3.06 10.92 -16.98
CA GLN C 79 1.74 10.33 -17.19
C GLN C 79 1.05 10.10 -15.86
N PRO C 80 -0.28 9.97 -15.84
CA PRO C 80 -0.97 9.74 -14.57
C PRO C 80 -0.46 8.52 -13.80
N ASP C 81 -0.07 7.46 -14.50
CA ASP C 81 0.46 6.24 -13.90
CA ASP C 81 0.42 6.27 -13.80
C ASP C 81 1.83 6.44 -13.28
N ASP C 82 2.47 7.59 -13.48
CA ASP C 82 3.77 7.87 -12.92
C ASP C 82 3.70 8.44 -11.51
N PHE C 83 2.50 8.65 -10.98
CA PHE C 83 2.34 8.97 -9.57
C PHE C 83 2.95 7.86 -8.74
N ALA C 84 3.98 8.19 -7.97
CA ALA C 84 4.75 7.20 -7.21
C ALA C 84 5.84 7.92 -6.43
N THR C 85 6.52 7.15 -5.59
CA THR C 85 7.79 7.55 -5.00
C THR C 85 8.90 6.82 -5.72
N TYR C 86 9.97 7.55 -6.06
CA TYR C 86 11.10 6.99 -6.77
C TYR C 86 12.32 6.97 -5.87
N TYR C 87 13.02 5.83 -5.84
CA TYR C 87 14.18 5.63 -4.99
C TYR C 87 15.39 5.31 -5.85
N CYS C 88 16.52 5.97 -5.58
CA CYS C 88 17.78 5.52 -6.14
C CYS C 88 18.46 4.56 -5.17
N GLN C 89 19.39 3.78 -5.68
CA GLN C 89 20.08 2.77 -4.89
C GLN C 89 21.46 2.52 -5.46
N GLN C 90 22.48 2.60 -4.61
CA GLN C 90 23.83 2.22 -5.02
C GLN C 90 24.04 0.74 -4.71
N TYR C 91 24.71 0.04 -5.62
CA TYR C 91 25.12 -1.32 -5.36
C TYR C 91 26.61 -1.49 -5.62
N ASN C 92 27.38 -0.47 -5.26
CA ASN C 92 28.84 -0.54 -5.29
C ASN C 92 29.37 -1.27 -4.06
N SER C 93 28.87 -0.92 -2.88
CA SER C 93 29.25 -1.55 -1.63
CA SER C 93 29.25 -1.55 -1.63
C SER C 93 27.98 -1.86 -0.86
N TYR C 94 27.62 -3.14 -0.80
CA TYR C 94 26.33 -3.57 -0.24
C TYR C 94 25.23 -2.83 -1.00
N TRP C 95 24.14 -2.48 -0.34
CA TRP C 95 23.00 -1.84 -1.00
C TRP C 95 22.42 -0.80 -0.05
N THR C 96 22.40 0.46 -0.49
CA THR C 96 21.79 1.53 0.29
C THR C 96 20.92 2.37 -0.63
N PHE C 97 19.84 2.91 -0.07
CA PHE C 97 18.82 3.61 -0.84
C PHE C 97 18.78 5.09 -0.46
N GLY C 98 18.36 5.91 -1.41
CA GLY C 98 17.98 7.27 -1.09
C GLY C 98 16.67 7.32 -0.34
N GLN C 99 16.32 8.51 0.15
CA GLN C 99 15.12 8.67 0.95
CA GLN C 99 15.12 8.69 0.95
C GLN C 99 13.85 8.73 0.10
N GLY C 100 13.98 8.85 -1.21
CA GLY C 100 12.81 8.81 -2.07
C GLY C 100 12.31 10.19 -2.45
N THR C 101 11.73 10.27 -3.65
CA THR C 101 11.13 11.49 -4.17
C THR C 101 9.68 11.17 -4.54
N LYS C 102 8.74 11.80 -3.84
CA LYS C 102 7.33 11.60 -4.15
C LYS C 102 6.93 12.50 -5.30
N VAL C 103 6.32 11.92 -6.32
CA VAL C 103 5.82 12.65 -7.48
C VAL C 103 4.30 12.70 -7.39
N GLU C 104 3.77 13.90 -7.23
CA GLU C 104 2.33 14.14 -7.21
C GLU C 104 1.94 14.85 -8.49
N ILE C 105 0.67 14.70 -8.89
CA ILE C 105 0.23 15.14 -10.21
C ILE C 105 -0.87 16.19 -10.06
N LYS C 106 -0.66 17.33 -10.69
CA LYS C 106 -1.68 18.37 -10.76
C LYS C 106 -2.61 18.10 -11.93
N ARG C 107 -3.91 18.30 -11.71
CA ARG C 107 -4.91 18.10 -12.74
C ARG C 107 -6.05 19.11 -12.54
N THR C 108 -7.08 18.98 -13.37
CA THR C 108 -8.22 19.90 -13.30
C THR C 108 -9.08 19.59 -12.09
N VAL C 109 -9.89 20.58 -11.71
CA VAL C 109 -10.82 20.39 -10.60
C VAL C 109 -11.88 19.37 -11.00
N ALA C 110 -12.20 18.46 -10.08
CA ALA C 110 -13.21 17.43 -10.29
C ALA C 110 -14.06 17.35 -9.04
N ALA C 111 -15.36 17.55 -9.19
CA ALA C 111 -16.25 17.49 -8.05
C ALA C 111 -16.44 16.03 -7.60
N PRO C 112 -16.61 15.80 -6.31
CA PRO C 112 -16.85 14.44 -5.83
C PRO C 112 -18.30 14.01 -6.04
N SER C 113 -18.47 12.70 -6.19
CA SER C 113 -19.79 12.09 -6.04
C SER C 113 -19.92 11.61 -4.60
N VAL C 114 -21.09 11.85 -4.00
CA VAL C 114 -21.28 11.65 -2.57
C VAL C 114 -22.28 10.54 -2.34
N PHE C 115 -21.94 9.61 -1.45
CA PHE C 115 -22.77 8.47 -1.09
C PHE C 115 -22.75 8.31 0.43
N ILE C 116 -23.84 7.77 0.98
CA ILE C 116 -23.93 7.53 2.42
C ILE C 116 -24.48 6.13 2.66
N PHE C 117 -23.97 5.47 3.70
CA PHE C 117 -24.33 4.10 4.04
C PHE C 117 -24.78 4.05 5.50
N PRO C 118 -26.02 3.68 5.78
CA PRO C 118 -26.43 3.43 7.17
C PRO C 118 -25.70 2.23 7.74
N PRO C 119 -25.71 2.06 9.06
CA PRO C 119 -25.09 0.87 9.64
C PRO C 119 -25.86 -0.39 9.26
N SER C 120 -25.13 -1.49 9.15
CA SER C 120 -25.76 -2.76 8.83
C SER C 120 -26.54 -3.30 10.02
N ASP C 121 -27.59 -4.07 9.73
CA ASP C 121 -28.33 -4.74 10.79
C ASP C 121 -27.42 -5.68 11.57
N GLU C 122 -26.46 -6.30 10.89
CA GLU C 122 -25.53 -7.21 11.56
C GLU C 122 -24.71 -6.47 12.61
N GLN C 123 -24.19 -5.29 12.27
CA GLN C 123 -23.39 -4.54 13.24
C GLN C 123 -24.24 -3.99 14.37
N LEU C 124 -25.44 -3.49 14.05
CA LEU C 124 -26.34 -2.99 15.09
C LEU C 124 -26.67 -4.07 16.11
N LYS C 125 -26.81 -5.31 15.65
CA LYS C 125 -27.01 -6.43 16.55
C LYS C 125 -25.87 -6.55 17.55
N SER C 126 -24.65 -6.17 17.15
CA SER C 126 -23.48 -6.26 18.01
C SER C 126 -23.30 -5.06 18.94
N GLY C 127 -24.13 -4.02 18.81
CA GLY C 127 -24.12 -2.91 19.75
C GLY C 127 -23.41 -1.65 19.29
N THR C 128 -22.98 -1.58 18.03
CA THR C 128 -22.29 -0.41 17.50
C THR C 128 -22.91 -0.02 16.16
N ALA C 129 -22.89 1.28 15.89
CA ALA C 129 -23.41 1.82 14.62
C ALA C 129 -22.31 2.62 13.94
N SER C 130 -21.85 2.13 12.80
CA SER C 130 -20.91 2.87 11.95
C SER C 130 -21.68 3.40 10.74
N VAL C 131 -21.63 4.71 10.54
CA VAL C 131 -22.25 5.37 9.40
C VAL C 131 -21.13 5.90 8.52
N VAL C 132 -21.16 5.53 7.23
CA VAL C 132 -20.06 5.82 6.32
C VAL C 132 -20.51 6.81 5.26
N CYS C 133 -19.75 7.89 5.11
CA CYS C 133 -19.95 8.86 4.05
C CYS C 133 -18.77 8.77 3.08
N LEU C 134 -19.08 8.59 1.79
CA LEU C 134 -18.08 8.37 0.77
C LEU C 134 -18.05 9.53 -0.22
N LEU C 135 -16.85 10.05 -0.49
CA LEU C 135 -16.59 11.02 -1.54
C LEU C 135 -15.71 10.37 -2.58
N ASN C 136 -16.22 10.23 -3.81
CA ASN C 136 -15.58 9.42 -4.83
C ASN C 136 -14.98 10.32 -5.91
N ASN C 137 -13.67 10.17 -6.12
CA ASN C 137 -12.94 10.66 -7.30
C ASN C 137 -13.10 12.17 -7.49
N PHE C 138 -12.42 12.90 -6.60
CA PHE C 138 -12.42 14.36 -6.63
C PHE C 138 -11.00 14.89 -6.64
N TYR C 139 -10.87 16.18 -6.99
CA TYR C 139 -9.61 16.90 -6.99
C TYR C 139 -9.90 18.38 -6.88
N PRO C 140 -9.14 19.15 -6.10
CA PRO C 140 -8.01 18.74 -5.25
C PRO C 140 -8.43 17.99 -3.99
N ARG C 141 -7.46 17.62 -3.16
CA ARG C 141 -7.74 16.79 -1.99
C ARG C 141 -8.53 17.52 -0.91
N GLU C 142 -8.47 18.85 -0.89
CA GLU C 142 -9.12 19.61 0.18
C GLU C 142 -10.63 19.48 0.08
N ALA C 143 -11.25 18.99 1.15
CA ALA C 143 -12.70 18.82 1.20
C ALA C 143 -13.16 18.91 2.65
N LYS C 144 -14.31 19.53 2.86
CA LYS C 144 -14.92 19.67 4.17
C LYS C 144 -16.10 18.71 4.27
N VAL C 145 -16.06 17.83 5.27
CA VAL C 145 -17.09 16.83 5.49
C VAL C 145 -17.62 16.99 6.90
N GLN C 146 -18.90 17.33 7.03
CA GLN C 146 -19.51 17.57 8.33
C GLN C 146 -20.68 16.62 8.53
N TRP C 147 -20.77 16.06 9.74
CA TRP C 147 -21.86 15.19 10.13
C TRP C 147 -22.92 16.01 10.87
N LYS C 148 -24.18 15.82 10.48
CA LYS C 148 -25.31 16.42 11.16
C LYS C 148 -26.26 15.32 11.58
N VAL C 149 -26.67 15.33 12.84
CA VAL C 149 -27.57 14.35 13.41
C VAL C 149 -28.76 15.10 13.98
N ASP C 150 -29.93 14.92 13.36
CA ASP C 150 -31.11 15.72 13.68
C ASP C 150 -30.80 17.21 13.54
N ASN C 151 -30.09 17.54 12.47
CA ASN C 151 -29.69 18.89 12.08
C ASN C 151 -28.71 19.52 13.06
N ALA C 152 -28.07 18.73 13.91
CA ALA C 152 -27.08 19.22 14.86
C ALA C 152 -25.69 18.82 14.40
N LEU C 153 -24.79 19.79 14.25
CA LEU C 153 -23.44 19.49 13.81
C LEU C 153 -22.72 18.65 14.85
N GLN C 154 -22.02 17.61 14.39
CA GLN C 154 -21.34 16.67 15.26
C GLN C 154 -19.86 17.03 15.39
N SER C 155 -19.27 16.56 16.49
CA SER C 155 -17.84 16.74 16.72
C SER C 155 -17.33 15.64 17.62
N GLY C 156 -16.20 15.05 17.25
CA GLY C 156 -15.50 14.11 18.11
C GLY C 156 -15.85 12.66 17.93
N ASN C 157 -16.73 12.32 16.98
CA ASN C 157 -17.15 10.93 16.79
C ASN C 157 -17.00 10.48 15.35
N SER C 158 -16.09 11.10 14.58
CA SER C 158 -15.87 10.75 13.18
C SER C 158 -14.37 10.64 12.90
N GLN C 159 -14.03 9.79 11.92
CA GLN C 159 -12.67 9.63 11.44
C GLN C 159 -12.66 9.57 9.91
N GLU C 160 -11.69 10.25 9.30
CA GLU C 160 -11.55 10.30 7.85
C GLU C 160 -10.33 9.52 7.39
N SER C 161 -10.40 9.03 6.15
CA SER C 161 -9.27 8.43 5.47
C SER C 161 -9.37 8.80 3.99
N VAL C 162 -8.22 9.13 3.38
CA VAL C 162 -8.18 9.51 1.97
C VAL C 162 -7.27 8.54 1.23
N THR C 163 -7.61 8.27 -0.02
CA THR C 163 -6.78 7.41 -0.84
C THR C 163 -5.58 8.19 -1.39
N GLU C 164 -4.61 7.45 -1.89
CA GLU C 164 -3.58 8.04 -2.73
C GLU C 164 -4.19 8.46 -4.05
N GLN C 165 -3.47 9.29 -4.80
CA GLN C 165 -3.94 9.70 -6.12
C GLN C 165 -4.13 8.48 -7.01
N ASP C 166 -5.21 8.50 -7.80
CA ASP C 166 -5.52 7.38 -8.69
C ASP C 166 -4.57 7.33 -9.87
N SER C 167 -4.15 6.12 -10.25
CA SER C 167 -3.16 5.96 -11.31
C SER C 167 -3.69 6.34 -12.68
N LYS C 168 -5.00 6.45 -12.85
CA LYS C 168 -5.58 6.72 -14.16
C LYS C 168 -6.13 8.14 -14.30
N ASP C 169 -6.86 8.66 -13.31
CA ASP C 169 -7.42 10.00 -13.40
C ASP C 169 -6.87 10.98 -12.38
N SER C 170 -5.92 10.55 -11.55
CA SER C 170 -5.21 11.41 -10.60
C SER C 170 -6.12 12.03 -9.56
N THR C 171 -7.27 11.40 -9.27
CA THR C 171 -8.19 11.93 -8.28
C THR C 171 -7.97 11.27 -6.92
N TYR C 172 -8.65 11.83 -5.91
CA TYR C 172 -8.69 11.30 -4.56
C TYR C 172 -10.09 10.77 -4.27
N SER C 173 -10.17 9.86 -3.32
CA SER C 173 -11.43 9.46 -2.72
C SER C 173 -11.26 9.52 -1.20
N LEU C 174 -12.37 9.75 -0.49
CA LEU C 174 -12.31 9.96 0.94
C LEU C 174 -13.52 9.34 1.62
N SER C 175 -13.28 8.72 2.76
CA SER C 175 -14.34 8.20 3.61
C SER C 175 -14.36 8.96 4.92
N SER C 176 -15.55 9.21 5.43
CA SER C 176 -15.74 9.74 6.78
C SER C 176 -16.71 8.82 7.50
N THR C 177 -16.28 8.27 8.63
CA THR C 177 -17.02 7.25 9.35
C THR C 177 -17.45 7.79 10.69
N LEU C 178 -18.76 7.84 10.91
CA LEU C 178 -19.35 8.25 12.18
C LEU C 178 -19.65 7.00 12.99
N THR C 179 -19.10 6.92 14.21
CA THR C 179 -19.25 5.74 15.03
C THR C 179 -19.99 6.10 16.32
N LEU C 180 -21.09 5.39 16.58
CA LEU C 180 -21.88 5.60 17.77
C LEU C 180 -22.22 4.25 18.38
N SER C 181 -22.51 4.27 19.68
CA SER C 181 -23.10 3.09 20.30
C SER C 181 -24.50 2.87 19.73
N LYS C 182 -24.97 1.62 19.81
CA LYS C 182 -26.32 1.32 19.35
C LYS C 182 -27.35 2.16 20.09
N ALA C 183 -27.16 2.35 21.40
CA ALA C 183 -28.11 3.12 22.19
C ALA C 183 -28.17 4.56 21.73
N ASP C 184 -27.00 5.18 21.50
CA ASP C 184 -26.97 6.57 21.04
C ASP C 184 -27.53 6.71 19.64
N TYR C 185 -27.24 5.74 18.77
CA TYR C 185 -27.76 5.78 17.40
C TYR C 185 -29.28 5.77 17.38
N GLU C 186 -29.90 5.03 18.30
CA GLU C 186 -31.35 4.91 18.33
C GLU C 186 -32.04 6.10 18.98
N LYS C 187 -31.29 7.05 19.52
CA LYS C 187 -31.89 8.24 20.13
C LYS C 187 -32.17 9.35 19.11
N HIS C 188 -31.80 9.16 17.85
CA HIS C 188 -31.93 10.20 16.84
C HIS C 188 -32.42 9.60 15.53
N LYS C 189 -32.93 10.46 14.66
CA LYS C 189 -33.60 10.03 13.44
C LYS C 189 -32.78 10.34 12.18
N VAL C 190 -32.48 11.61 11.94
CA VAL C 190 -31.87 12.04 10.68
C VAL C 190 -30.36 12.01 10.82
N TYR C 191 -29.70 11.32 9.89
CA TYR C 191 -28.25 11.26 9.81
C TYR C 191 -27.83 11.77 8.44
N ALA C 192 -26.97 12.80 8.42
CA ALA C 192 -26.66 13.49 7.17
C ALA C 192 -25.18 13.82 7.10
N CYS C 193 -24.65 13.76 5.88
CA CYS C 193 -23.27 14.10 5.58
C CYS C 193 -23.27 15.26 4.60
N GLU C 194 -22.65 16.38 4.97
CA GLU C 194 -22.59 17.55 4.13
C GLU C 194 -21.16 17.75 3.63
N VAL C 195 -21.02 17.88 2.31
CA VAL C 195 -19.72 17.91 1.65
C VAL C 195 -19.53 19.27 0.98
N THR C 196 -18.43 19.93 1.30
CA THR C 196 -18.04 21.19 0.66
C THR C 196 -16.74 20.97 -0.10
N HIS C 197 -16.71 21.38 -1.37
CA HIS C 197 -15.55 21.16 -2.22
C HIS C 197 -15.52 22.23 -3.32
N GLN C 198 -14.31 22.51 -3.81
CA GLN C 198 -14.13 23.54 -4.82
C GLN C 198 -14.94 23.26 -6.07
N GLY C 199 -15.11 21.99 -6.44
CA GLY C 199 -15.85 21.60 -7.61
C GLY C 199 -17.37 21.63 -7.48
N LEU C 200 -17.88 21.90 -6.28
CA LEU C 200 -19.31 21.98 -6.02
C LEU C 200 -19.70 23.44 -5.87
N SER C 201 -20.74 23.86 -6.61
CA SER C 201 -21.21 25.24 -6.51
C SER C 201 -21.80 25.52 -5.14
N SER C 202 -22.47 24.52 -4.55
CA SER C 202 -23.03 24.60 -3.22
C SER C 202 -22.83 23.26 -2.55
N PRO C 203 -22.82 23.21 -1.21
CA PRO C 203 -22.58 21.94 -0.52
C PRO C 203 -23.63 20.89 -0.88
N VAL C 204 -23.17 19.64 -0.96
CA VAL C 204 -24.01 18.49 -1.26
C VAL C 204 -24.26 17.73 0.04
N THR C 205 -25.52 17.39 0.31
CA THR C 205 -25.89 16.69 1.52
C THR C 205 -26.59 15.39 1.14
N LYS C 206 -26.09 14.28 1.67
CA LYS C 206 -26.76 12.98 1.58
C LYS C 206 -27.22 12.58 2.98
N SER C 207 -28.44 12.06 3.07
CA SER C 207 -29.05 11.82 4.37
C SER C 207 -29.98 10.61 4.32
N PHE C 208 -30.24 10.05 5.49
CA PHE C 208 -31.24 9.01 5.66
C PHE C 208 -31.88 9.13 7.03
N ASN C 209 -33.05 8.54 7.17
CA ASN C 209 -33.74 8.43 8.47
C ASN C 209 -33.53 7.03 9.01
N ARG C 210 -33.15 6.93 10.29
CA ARG C 210 -32.97 5.62 10.92
C ARG C 210 -34.26 4.83 10.85
N GLY C 211 -34.19 3.64 10.25
CA GLY C 211 -35.33 2.75 10.15
C GLY C 211 -35.90 2.60 8.76
N GLU C 212 -35.58 3.49 7.82
CA GLU C 212 -36.12 3.35 6.47
C GLU C 212 -35.38 2.33 5.63
N CYS C 213 -34.18 1.93 6.04
CA CYS C 213 -33.40 0.94 5.31
C CYS C 213 -33.21 -0.32 6.15
C1 EDO D . 15.95 -17.06 -14.08
O1 EDO D . 16.17 -17.82 -12.87
C2 EDO D . 15.29 -17.95 -15.12
O2 EDO D . 14.14 -18.58 -14.55
C1 EDO E . 9.43 7.01 2.64
O1 EDO E . 8.39 6.83 3.61
C2 EDO E . 10.52 5.97 2.85
O2 EDO E . 9.98 4.66 2.76
C1 EDO F . -5.87 -6.02 -2.95
O1 EDO F . -6.52 -7.04 -3.69
C2 EDO F . -4.45 -6.45 -2.58
O2 EDO F . -3.83 -5.45 -1.78
C1 EDO G . -12.87 3.75 9.22
O1 EDO G . -11.96 4.46 8.37
C2 EDO G . -13.60 2.68 8.41
O2 EDO G . -14.41 3.32 7.41
C1 EDO H . -11.33 -17.39 1.12
O1 EDO H . -10.25 -18.19 0.64
C2 EDO H . -11.83 -17.96 2.43
O2 EDO H . -12.79 -17.05 3.00
C1 EDO I . 27.97 -4.26 6.68
O1 EDO I . 28.76 -3.07 6.68
C2 EDO I . 26.54 -3.92 6.29
O2 EDO I . 25.97 -3.04 7.25
C1 EDO J . -6.69 3.65 -5.08
O1 EDO J . -7.87 3.73 -4.28
C2 EDO J . -7.06 3.76 -6.56
O2 EDO J . -7.71 5.01 -6.79
C1 EDO K . -3.53 4.22 -7.25
O1 EDO K . -4.13 3.89 -8.51
C2 EDO K . -2.04 4.40 -7.41
O2 EDO K . -1.77 5.56 -8.21
C1 EDO L . -2.68 1.36 0.79
O1 EDO L . -3.74 1.52 1.75
C2 EDO L . -2.83 2.42 -0.30
O2 EDO L . -2.57 3.72 0.25
C1 EDO M . -6.58 14.90 2.95
O1 EDO M . -6.20 14.94 1.57
C2 EDO M . -8.07 14.61 3.03
O2 EDO M . -8.74 15.41 2.05
#